data_5IZF
#
_entry.id   5IZF
#
_cell.length_a   129.150
_cell.length_b   129.150
_cell.length_c   89.860
_cell.angle_alpha   90.00
_cell.angle_beta   90.00
_cell.angle_gamma   120.00
#
_symmetry.space_group_name_H-M   'P 65 2 2'
#
loop_
_entity.id
_entity.type
_entity.pdbx_description
1 polymer 'cAMP-dependent protein kinase catalytic subunit alpha'
2 polymer 6J9-ZEU-DAR-ACA-DAR-NH2
3 non-polymer 'SULFATE ION'
4 water water
#
loop_
_entity_poly.entity_id
_entity_poly.type
_entity_poly.pdbx_seq_one_letter_code
_entity_poly.pdbx_strand_id
1 'polypeptide(L)'
;MGNAAAAKKGSEQESVKEFLAKAKEDFLKKWESPAQNTAHLDQFERIKTLGTGSFGRVMLVKHKETGNHYAMKILDKQKV
VKLKQIEHTLNEKRILQAVNFPFLVKLEFSFKDNSNLYMVMEYVPGGEMFSHLRRIGRFSEPHARFYAAQIVLTFEYLHS
LDLIYRDLKPENLLIDQQGYIQVTDFGFAKRVKGRTW(TPO)LCGTPEYLAPEIILSKGYNKAVDWWALGVLIYEMAAGY
PPFFADQPIQIYEKIVSGKVRFPSHFSSDLKDLLRNLLQVDLTKRFGNLKNGVNDIKNHKWFATTDWIAIYQRKVEAPFI
PKFKGPGDTSNFDDYEEEEIRV(SEP)INEKCGKEFSEF
;
A
2 'polypeptide(D)' (6J9)(AZ1)(DAR)(ACA)(DAR)(NH2) E
#
# COMPACT_ATOMS: atom_id res chain seq x y z
N GLU A 14 -20.14 13.52 -6.97
CA GLU A 14 -20.69 14.77 -7.57
C GLU A 14 -19.61 15.86 -7.52
N SER A 15 -19.31 16.33 -6.32
CA SER A 15 -18.29 17.35 -6.05
C SER A 15 -16.88 16.73 -6.03
N VAL A 16 -16.82 15.41 -6.23
CA VAL A 16 -15.58 14.63 -6.28
C VAL A 16 -14.69 15.11 -7.43
N LYS A 17 -15.31 15.32 -8.61
CA LYS A 17 -14.64 15.85 -9.81
C LYS A 17 -13.85 17.13 -9.52
N GLU A 18 -14.46 18.01 -8.71
CA GLU A 18 -13.88 19.27 -8.28
C GLU A 18 -12.71 19.08 -7.31
N PHE A 19 -12.87 18.16 -6.36
CA PHE A 19 -11.82 17.83 -5.39
C PHE A 19 -10.57 17.22 -6.07
N LEU A 20 -10.81 16.39 -7.08
CA LEU A 20 -9.74 15.68 -7.80
C LEU A 20 -8.92 16.57 -8.72
N ALA A 21 -9.57 17.58 -9.31
CA ALA A 21 -8.89 18.61 -10.12
C ALA A 21 -7.90 19.40 -9.26
N LYS A 22 -8.35 19.79 -8.06
CA LYS A 22 -7.56 20.54 -7.09
C LYS A 22 -6.38 19.71 -6.56
N ALA A 23 -6.62 18.41 -6.35
CA ALA A 23 -5.60 17.46 -5.93
C ALA A 23 -4.53 17.24 -7.01
N LYS A 24 -4.96 17.20 -8.27
CA LYS A 24 -4.06 17.06 -9.41
C LYS A 24 -3.14 18.27 -9.58
N GLU A 25 -3.68 19.46 -9.37
CA GLU A 25 -2.91 20.70 -9.45
C GLU A 25 -1.88 20.83 -8.34
N ASP A 26 -2.22 20.34 -7.15
CA ASP A 26 -1.28 20.29 -6.02
C ASP A 26 -0.20 19.23 -6.21
N PHE A 27 -0.59 18.08 -6.77
CA PHE A 27 0.36 16.99 -7.06
C PHE A 27 1.34 17.40 -8.15
N LEU A 28 0.84 17.97 -9.26
CA LEU A 28 1.70 18.40 -10.38
C LEU A 28 2.67 19.52 -10.01
N LYS A 29 2.24 20.43 -9.13
CA LYS A 29 3.11 21.45 -8.55
C LYS A 29 4.27 20.86 -7.75
N LYS A 30 3.97 19.81 -6.97
CA LYS A 30 4.99 19.13 -6.15
C LYS A 30 5.87 18.15 -6.94
N TRP A 31 5.28 17.53 -7.97
CA TRP A 31 6.02 16.66 -8.91
C TRP A 31 7.08 17.48 -9.64
N GLU A 32 6.70 18.68 -10.09
CA GLU A 32 7.58 19.60 -10.81
C GLU A 32 8.67 20.23 -9.93
N SER A 33 8.28 20.76 -8.76
CA SER A 33 9.22 21.37 -7.82
C SER A 33 9.21 20.64 -6.46
N PRO A 34 10.03 19.58 -6.30
CA PRO A 34 10.13 18.92 -4.99
C PRO A 34 10.74 19.81 -3.90
N ALA A 35 10.43 19.49 -2.65
CA ALA A 35 11.32 19.77 -1.51
C ALA A 35 11.96 18.47 -1.00
N GLN A 36 13.28 18.44 -0.78
CA GLN A 36 14.04 17.19 -0.52
C GLN A 36 15.37 17.28 0.30
N ASN A 37 15.93 16.13 0.73
CA ASN A 37 17.17 16.05 1.54
C ASN A 37 17.20 16.84 2.85
N THR A 38 16.30 16.46 3.73
CA THR A 38 15.61 17.34 4.68
C THR A 38 15.97 17.06 6.14
N ALA A 39 16.82 16.05 6.36
CA ALA A 39 17.29 15.62 7.69
C ALA A 39 18.60 14.82 7.61
N HIS A 40 19.03 14.25 8.74
CA HIS A 40 20.21 13.38 8.81
C HIS A 40 20.03 12.34 9.93
N LEU A 41 20.73 11.20 9.81
CA LEU A 41 20.67 10.09 10.78
C LEU A 41 20.98 10.50 12.23
N ASP A 42 21.89 11.45 12.40
CA ASP A 42 22.32 11.98 13.70
C ASP A 42 21.18 12.58 14.53
N GLN A 43 20.17 13.09 13.83
CA GLN A 43 18.98 13.69 14.46
C GLN A 43 18.00 12.66 15.07
N PHE A 44 18.25 11.37 14.83
CA PHE A 44 17.34 10.30 15.26
C PHE A 44 18.02 9.27 16.15
N GLU A 45 17.30 8.90 17.22
CA GLU A 45 17.73 7.85 18.14
C GLU A 45 17.05 6.53 17.77
N ARG A 46 17.87 5.52 17.55
CA ARG A 46 17.41 4.17 17.21
C ARG A 46 16.77 3.50 18.43
N ILE A 47 15.58 2.93 18.24
CA ILE A 47 14.88 2.23 19.33
C ILE A 47 14.76 0.72 19.07
N LYS A 48 14.08 0.34 17.98
CA LYS A 48 13.73 -1.06 17.70
C LYS A 48 13.53 -1.33 16.21
N THR A 49 14.01 -2.49 15.77
CA THR A 49 13.74 -2.97 14.42
C THR A 49 12.32 -3.53 14.37
N LEU A 50 11.51 -2.96 13.48
CA LEU A 50 10.10 -3.33 13.32
C LEU A 50 9.86 -4.41 12.27
N GLY A 51 10.79 -4.53 11.32
CA GLY A 51 10.69 -5.51 10.23
C GLY A 51 11.91 -5.47 9.32
N THR A 52 12.19 -6.60 8.66
CA THR A 52 13.34 -6.75 7.76
C THR A 52 12.88 -7.22 6.37
N GLY A 53 13.72 -7.00 5.37
CA GLY A 53 13.50 -7.49 4.01
C GLY A 53 14.80 -7.91 3.34
N SER A 54 14.74 -8.10 2.02
CA SER A 54 15.90 -8.57 1.26
C SER A 54 16.93 -7.46 0.99
N PHE A 55 16.50 -6.21 1.02
CA PHE A 55 17.40 -5.07 0.78
C PHE A 55 17.29 -3.91 1.77
N GLY A 56 16.63 -4.15 2.91
CA GLY A 56 16.53 -3.14 3.96
C GLY A 56 15.67 -3.51 5.15
N ARG A 57 15.42 -2.51 5.98
CA ARG A 57 14.64 -2.68 7.21
C ARG A 57 13.88 -1.42 7.60
N VAL A 58 12.90 -1.57 8.50
CA VAL A 58 12.16 -0.45 9.08
C VAL A 58 12.41 -0.46 10.58
N MET A 59 12.83 0.70 11.10
CA MET A 59 13.07 0.87 12.52
C MET A 59 12.17 1.95 13.11
N LEU A 60 11.73 1.72 14.34
CA LEU A 60 11.16 2.79 15.16
C LEU A 60 12.31 3.69 15.62
N VAL A 61 12.14 4.98 15.39
CA VAL A 61 13.13 6.00 15.77
C VAL A 61 12.46 7.13 16.54
N LYS A 62 13.24 7.78 17.41
CA LYS A 62 12.80 8.98 18.10
C LYS A 62 13.65 10.15 17.62
N HIS A 63 12.96 11.20 17.16
CA HIS A 63 13.58 12.47 16.83
C HIS A 63 14.13 13.10 18.12
N LYS A 64 15.44 13.32 18.15
CA LYS A 64 16.18 13.67 19.37
C LYS A 64 15.74 14.98 20.04
N GLU A 65 15.42 15.98 19.23
CA GLU A 65 15.04 17.30 19.76
C GLU A 65 13.54 17.65 19.71
N THR A 66 12.69 16.65 19.46
CA THR A 66 11.23 16.81 19.62
C THR A 66 10.64 15.71 20.48
N GLY A 67 11.28 14.54 20.44
CA GLY A 67 10.77 13.34 21.10
C GLY A 67 9.77 12.58 20.26
N ASN A 68 9.51 13.08 19.05
CA ASN A 68 8.54 12.48 18.13
C ASN A 68 9.04 11.15 17.61
N HIS A 69 8.14 10.16 17.63
CA HIS A 69 8.45 8.84 17.11
C HIS A 69 8.14 8.75 15.63
N TYR A 70 8.98 8.02 14.90
CA TYR A 70 8.81 7.80 13.48
C TYR A 70 9.21 6.38 13.10
N ALA A 71 8.69 5.90 11.97
CA ALA A 71 9.17 4.68 11.34
C ALA A 71 10.12 5.05 10.20
N MET A 72 11.39 4.68 10.36
CA MET A 72 12.43 4.98 9.39
C MET A 72 12.77 3.75 8.55
N LYS A 73 12.54 3.85 7.25
CA LYS A 73 12.92 2.81 6.29
C LYS A 73 14.38 3.02 5.90
N ILE A 74 15.21 2.00 6.11
CA ILE A 74 16.64 2.06 5.81
C ILE A 74 16.94 1.06 4.69
N LEU A 75 17.39 1.57 3.54
CA LEU A 75 17.71 0.71 2.38
C LEU A 75 19.21 0.71 2.06
N ASP A 76 19.78 -0.50 1.97
CA ASP A 76 21.18 -0.71 1.57
C ASP A 76 21.34 -0.50 0.06
N LYS A 77 22.13 0.49 -0.33
CA LYS A 77 22.30 0.89 -1.74
C LYS A 77 22.78 -0.23 -2.66
N GLN A 78 23.81 -0.95 -2.21
CA GLN A 78 24.43 -2.03 -2.98
C GLN A 78 23.47 -3.20 -3.21
N LYS A 79 22.66 -3.48 -2.18
CA LYS A 79 21.60 -4.49 -2.29
C LYS A 79 20.45 -4.07 -3.18
N VAL A 80 20.11 -2.77 -3.16
CA VAL A 80 19.14 -2.17 -4.10
C VAL A 80 19.65 -2.31 -5.56
N VAL A 81 20.92 -1.97 -5.78
CA VAL A 81 21.58 -2.11 -7.08
C VAL A 81 21.56 -3.57 -7.56
N LYS A 82 22.08 -4.48 -6.73
CA LYS A 82 22.14 -5.91 -7.08
C LYS A 82 20.80 -6.56 -7.41
N LEU A 83 19.75 -6.18 -6.67
CA LEU A 83 18.42 -6.76 -6.87
C LEU A 83 17.58 -6.02 -7.91
N LYS A 84 18.21 -5.11 -8.65
CA LYS A 84 17.59 -4.34 -9.75
C LYS A 84 16.40 -3.47 -9.30
N GLN A 85 16.57 -2.79 -8.16
CA GLN A 85 15.49 -1.98 -7.59
C GLN A 85 15.75 -0.45 -7.60
N ILE A 86 16.61 0.00 -8.51
CA ILE A 86 17.04 1.41 -8.55
C ILE A 86 15.86 2.33 -8.91
N GLU A 87 15.21 2.06 -10.04
CA GLU A 87 14.09 2.90 -10.49
C GLU A 87 12.90 2.85 -9.53
N HIS A 88 12.60 1.66 -9.03
CA HIS A 88 11.53 1.43 -8.07
C HIS A 88 11.69 2.27 -6.79
N THR A 89 12.90 2.27 -6.23
CA THR A 89 13.23 3.04 -5.04
C THR A 89 13.13 4.56 -5.29
N LEU A 90 13.63 5.00 -6.46
CA LEU A 90 13.53 6.41 -6.87
C LEU A 90 12.08 6.86 -7.06
N ASN A 91 11.27 6.02 -7.70
CA ASN A 91 9.80 6.22 -7.83
C ASN A 91 9.12 6.37 -6.47
N GLU A 92 9.40 5.44 -5.53
CA GLU A 92 8.79 5.44 -4.19
C GLU A 92 8.95 6.78 -3.45
N LYS A 93 10.19 7.26 -3.34
CA LYS A 93 10.48 8.52 -2.65
C LYS A 93 9.83 9.71 -3.36
N ARG A 94 9.93 9.72 -4.68
CA ARG A 94 9.38 10.81 -5.49
C ARG A 94 7.85 10.85 -5.41
N ILE A 95 7.19 9.70 -5.45
CA ILE A 95 5.72 9.64 -5.35
C ILE A 95 5.22 10.05 -3.94
N LEU A 96 5.88 9.54 -2.90
CA LEU A 96 5.51 9.84 -1.51
C LEU A 96 5.64 11.32 -1.13
N GLN A 97 6.64 12.00 -1.71
CA GLN A 97 6.84 13.44 -1.53
C GLN A 97 5.74 14.28 -2.14
N ALA A 98 5.11 13.76 -3.19
CA ALA A 98 4.17 14.56 -3.97
C ALA A 98 2.69 14.38 -3.60
N VAL A 99 2.33 13.21 -3.07
CA VAL A 99 0.92 12.85 -2.78
C VAL A 99 0.45 13.32 -1.40
N ASN A 100 -0.86 13.54 -1.27
CA ASN A 100 -1.49 13.89 -0.01
C ASN A 100 -2.92 13.36 0.05
N PHE A 101 -3.16 12.38 0.92
CA PHE A 101 -4.46 11.72 1.09
C PHE A 101 -4.53 11.08 2.48
N PRO A 102 -5.73 11.12 3.14
CA PRO A 102 -5.86 10.63 4.54
C PRO A 102 -5.43 9.19 4.81
N PHE A 103 -5.48 8.33 3.80
CA PHE A 103 -5.16 6.90 3.98
C PHE A 103 -3.78 6.48 3.45
N LEU A 104 -2.92 7.47 3.15
CA LEU A 104 -1.53 7.21 2.77
C LEU A 104 -0.57 7.69 3.86
N VAL A 105 0.32 6.80 4.31
CA VAL A 105 1.35 7.17 5.28
C VAL A 105 2.20 8.34 4.74
N LYS A 106 2.34 9.36 5.57
CA LYS A 106 3.05 10.56 5.16
C LYS A 106 4.56 10.34 5.26
N LEU A 107 5.28 10.79 4.24
CA LEU A 107 6.74 10.87 4.31
C LEU A 107 7.10 12.18 5.00
N GLU A 108 7.88 12.08 6.07
CA GLU A 108 8.23 13.24 6.88
C GLU A 108 9.60 13.80 6.52
N PHE A 109 10.58 12.89 6.38
CA PHE A 109 11.96 13.24 6.00
C PHE A 109 12.51 12.17 5.06
N SER A 110 13.44 12.57 4.18
CA SER A 110 14.23 11.62 3.38
C SER A 110 15.64 12.16 3.13
N PHE A 111 16.61 11.25 3.13
CA PHE A 111 18.04 11.58 2.98
C PHE A 111 18.87 10.33 2.67
N LYS A 112 20.16 10.54 2.39
CA LYS A 112 21.09 9.47 2.06
C LYS A 112 22.48 9.74 2.65
N ASP A 113 23.20 8.68 3.00
CA ASP A 113 24.63 8.78 3.36
C ASP A 113 25.45 7.89 2.41
N ASN A 114 26.67 7.53 2.80
CA ASN A 114 27.56 6.72 1.94
C ASN A 114 27.02 5.33 1.56
N SER A 115 26.36 4.67 2.52
CA SER A 115 25.89 3.28 2.35
C SER A 115 24.38 3.14 2.16
N ASN A 116 23.60 4.02 2.79
CA ASN A 116 22.15 3.82 2.93
C ASN A 116 21.27 4.95 2.38
N LEU A 117 20.04 4.56 2.05
CA LEU A 117 18.95 5.47 1.73
C LEU A 117 17.95 5.43 2.88
N TYR A 118 17.39 6.60 3.21
CA TYR A 118 16.51 6.75 4.36
C TYR A 118 15.19 7.41 4.01
N MET A 119 14.09 6.76 4.40
CA MET A 119 12.75 7.34 4.27
C MET A 119 12.08 7.30 5.63
N VAL A 120 11.93 8.49 6.23
CA VAL A 120 11.36 8.66 7.56
C VAL A 120 9.87 8.97 7.42
N MET A 121 9.05 8.10 8.01
CA MET A 121 7.61 8.17 7.88
C MET A 121 6.89 8.19 9.22
N GLU A 122 5.63 8.62 9.17
CA GLU A 122 4.68 8.55 10.26
C GLU A 122 4.64 7.14 10.85
N TYR A 123 4.81 7.05 12.17
CA TYR A 123 4.77 5.79 12.88
C TYR A 123 3.32 5.39 13.18
N VAL A 124 2.94 4.19 12.78
CA VAL A 124 1.59 3.67 13.02
C VAL A 124 1.68 2.48 14.00
N PRO A 125 1.45 2.73 15.31
CA PRO A 125 1.63 1.71 16.37
C PRO A 125 0.65 0.52 16.33
N GLY A 126 -0.52 0.69 15.74
CA GLY A 126 -1.53 -0.36 15.63
C GLY A 126 -1.15 -1.60 14.83
N GLY A 127 -0.08 -1.51 14.03
CA GLY A 127 0.47 -2.66 13.30
C GLY A 127 -0.24 -2.98 12.00
N GLU A 128 0.21 -4.07 11.36
CA GLU A 128 -0.32 -4.54 10.07
C GLU A 128 -1.72 -5.11 10.23
N MET A 129 -2.56 -4.91 9.22
CA MET A 129 -3.88 -5.54 9.16
C MET A 129 -3.76 -7.07 9.12
N PHE A 130 -2.73 -7.55 8.42
CA PHE A 130 -2.37 -8.97 8.34
C PHE A 130 -2.30 -9.67 9.70
N SER A 131 -1.62 -9.04 10.67
CA SER A 131 -1.50 -9.56 12.04
C SER A 131 -2.84 -9.65 12.76
N HIS A 132 -3.68 -8.61 12.63
CA HIS A 132 -5.03 -8.62 13.20
C HIS A 132 -5.92 -9.66 12.53
N LEU A 133 -5.78 -9.82 11.21
CA LEU A 133 -6.58 -10.78 10.45
C LEU A 133 -6.31 -12.24 10.83
N ARG A 134 -5.04 -12.59 11.03
CA ARG A 134 -4.64 -13.95 11.42
C ARG A 134 -5.12 -14.31 12.83
N ARG A 135 -5.09 -13.33 13.74
CA ARG A 135 -5.52 -13.51 15.12
C ARG A 135 -7.03 -13.75 15.21
N ILE A 136 -7.82 -12.91 14.52
CA ILE A 136 -9.28 -13.02 14.51
C ILE A 136 -9.77 -14.16 13.60
N GLY A 137 -9.00 -14.49 12.57
CA GLY A 137 -9.35 -15.54 11.61
C GLY A 137 -9.90 -14.96 10.31
N ARG A 138 -11.05 -14.29 10.41
CA ARG A 138 -11.69 -13.60 9.29
C ARG A 138 -12.37 -12.31 9.80
N PHE A 139 -12.58 -11.34 8.91
CA PHE A 139 -13.40 -10.16 9.25
C PHE A 139 -14.84 -10.38 8.79
N SER A 140 -15.79 -9.87 9.58
CA SER A 140 -17.19 -9.80 9.15
C SER A 140 -17.32 -8.89 7.94
N GLU A 141 -18.37 -9.09 7.14
CA GLU A 141 -18.60 -8.28 5.94
C GLU A 141 -18.69 -6.77 6.19
N PRO A 142 -19.42 -6.30 7.25
CA PRO A 142 -19.33 -4.86 7.57
C PRO A 142 -17.91 -4.37 7.94
N HIS A 143 -17.13 -5.20 8.64
CA HIS A 143 -15.73 -4.89 8.99
C HIS A 143 -14.87 -4.77 7.71
N ALA A 144 -14.97 -5.76 6.82
CA ALA A 144 -14.23 -5.79 5.55
C ALA A 144 -14.61 -4.63 4.63
N ARG A 145 -15.91 -4.32 4.58
CA ARG A 145 -16.45 -3.22 3.77
C ARG A 145 -15.88 -1.87 4.19
N PHE A 146 -15.78 -1.67 5.50
CA PHE A 146 -15.19 -0.47 6.07
C PHE A 146 -13.75 -0.23 5.56
N TYR A 147 -12.94 -1.29 5.54
CA TYR A 147 -11.59 -1.24 5.00
C TYR A 147 -11.57 -1.11 3.47
N ALA A 148 -12.42 -1.88 2.80
CA ALA A 148 -12.55 -1.84 1.33
C ALA A 148 -12.88 -0.45 0.81
N ALA A 149 -13.80 0.23 1.50
CA ALA A 149 -14.21 1.60 1.16
C ALA A 149 -13.02 2.57 1.09
N GLN A 150 -12.11 2.45 2.05
CA GLN A 150 -10.91 3.28 2.11
C GLN A 150 -9.94 3.04 0.95
N ILE A 151 -9.81 1.78 0.52
CA ILE A 151 -8.95 1.41 -0.61
C ILE A 151 -9.54 1.92 -1.94
N VAL A 152 -10.86 1.78 -2.09
CA VAL A 152 -11.59 2.30 -3.25
C VAL A 152 -11.30 3.79 -3.45
N LEU A 153 -11.43 4.56 -2.36
CA LEU A 153 -11.17 6.01 -2.39
C LEU A 153 -9.71 6.33 -2.68
N THR A 154 -8.82 5.56 -2.06
CA THR A 154 -7.38 5.71 -2.25
C THR A 154 -6.99 5.47 -3.73
N PHE A 155 -7.53 4.41 -4.33
CA PHE A 155 -7.24 4.10 -5.73
C PHE A 155 -7.84 5.12 -6.69
N GLU A 156 -9.06 5.61 -6.39
CA GLU A 156 -9.67 6.71 -7.13
C GLU A 156 -8.76 7.95 -7.15
N TYR A 157 -8.20 8.30 -5.98
CA TYR A 157 -7.23 9.40 -5.87
C TYR A 157 -5.96 9.13 -6.69
N LEU A 158 -5.34 7.96 -6.49
CA LEU A 158 -4.07 7.63 -7.14
C LEU A 158 -4.19 7.50 -8.65
N HIS A 159 -5.25 6.85 -9.11
CA HIS A 159 -5.46 6.60 -10.54
C HIS A 159 -5.74 7.85 -11.35
N SER A 160 -6.37 8.84 -10.71
CA SER A 160 -6.63 10.14 -11.33
C SER A 160 -5.34 10.94 -11.51
N LEU A 161 -4.30 10.60 -10.75
CA LEU A 161 -2.98 11.18 -10.89
C LEU A 161 -2.10 10.35 -11.83
N ASP A 162 -2.71 9.35 -12.48
CA ASP A 162 -2.03 8.36 -13.33
C ASP A 162 -1.02 7.48 -12.57
N LEU A 163 -1.26 7.31 -11.26
CA LEU A 163 -0.41 6.48 -10.41
C LEU A 163 -0.99 5.09 -10.24
N ILE A 164 -0.15 4.10 -10.45
CA ILE A 164 -0.47 2.68 -10.25
C ILE A 164 0.21 2.24 -8.93
N TYR A 165 -0.49 1.48 -8.09
CA TYR A 165 0.06 1.13 -6.77
C TYR A 165 0.83 -0.19 -6.80
N ARG A 166 0.19 -1.24 -7.31
CA ARG A 166 0.81 -2.54 -7.61
C ARG A 166 1.25 -3.43 -6.42
N ASP A 167 0.98 -3.03 -5.19
CA ASP A 167 1.44 -3.85 -4.05
C ASP A 167 0.40 -4.03 -2.92
N LEU A 168 -0.88 -4.05 -3.30
CA LEU A 168 -1.94 -4.24 -2.32
C LEU A 168 -1.89 -5.61 -1.68
N LYS A 169 -2.01 -5.62 -0.35
CA LYS A 169 -2.04 -6.81 0.52
C LYS A 169 -2.20 -6.32 1.96
N PRO A 170 -2.72 -7.18 2.88
CA PRO A 170 -2.95 -6.75 4.28
C PRO A 170 -1.67 -6.37 5.04
N GLU A 171 -0.53 -6.91 4.62
CA GLU A 171 0.78 -6.58 5.20
C GLU A 171 1.14 -5.10 5.05
N ASN A 172 0.69 -4.47 3.96
CA ASN A 172 1.00 -3.08 3.67
C ASN A 172 -0.08 -2.10 4.16
N LEU A 173 -1.05 -2.61 4.89
CA LEU A 173 -2.13 -1.79 5.42
C LEU A 173 -2.04 -1.70 6.95
N LEU A 174 -1.74 -0.49 7.44
CA LEU A 174 -1.57 -0.22 8.86
C LEU A 174 -2.82 0.41 9.47
N ILE A 175 -3.13 -0.01 10.70
CA ILE A 175 -4.33 0.47 11.40
C ILE A 175 -3.93 1.55 12.41
N ASP A 176 -4.40 2.78 12.18
CA ASP A 176 -4.08 3.89 13.10
C ASP A 176 -4.92 3.87 14.38
N GLN A 177 -4.70 4.86 15.24
CA GLN A 177 -5.35 4.94 16.57
C GLN A 177 -6.86 5.15 16.50
N GLN A 178 -7.35 5.58 15.34
CA GLN A 178 -8.78 5.76 15.12
C GLN A 178 -9.41 4.57 14.37
N GLY A 179 -8.60 3.53 14.12
CA GLY A 179 -9.06 2.34 13.40
C GLY A 179 -9.09 2.45 11.88
N TYR A 180 -8.53 3.54 11.34
CA TYR A 180 -8.48 3.77 9.88
C TYR A 180 -7.19 3.23 9.25
N ILE A 181 -7.26 2.92 7.94
CA ILE A 181 -6.11 2.39 7.17
C ILE A 181 -5.09 3.48 6.81
N GLN A 182 -3.82 3.13 6.94
CA GLN A 182 -2.70 3.89 6.39
C GLN A 182 -1.91 2.96 5.46
N VAL A 183 -1.93 3.28 4.17
CA VAL A 183 -1.18 2.50 3.16
C VAL A 183 0.31 2.85 3.19
N THR A 184 1.14 1.83 3.37
CA THR A 184 2.60 1.96 3.33
C THR A 184 3.22 1.19 2.16
N ASP A 185 4.52 1.44 1.92
CA ASP A 185 5.32 0.77 0.89
C ASP A 185 4.87 1.11 -0.54
N PHE A 186 5.51 2.13 -1.09
CA PHE A 186 5.25 2.61 -2.44
C PHE A 186 6.37 2.17 -3.39
N GLY A 187 7.02 1.05 -3.02
CA GLY A 187 8.12 0.45 -3.76
C GLY A 187 7.83 0.02 -5.20
N PHE A 188 6.55 -0.30 -5.48
CA PHE A 188 6.14 -0.67 -6.83
C PHE A 188 5.25 0.37 -7.50
N ALA A 189 5.05 1.49 -6.82
CA ALA A 189 4.25 2.59 -7.35
C ALA A 189 4.95 3.25 -8.53
N LYS A 190 4.17 3.61 -9.54
CA LYS A 190 4.70 4.22 -10.76
C LYS A 190 3.65 5.12 -11.42
N ARG A 191 4.10 6.26 -11.93
CA ARG A 191 3.26 7.11 -12.74
C ARG A 191 3.30 6.59 -14.17
N VAL A 192 2.16 6.11 -14.66
CA VAL A 192 2.09 5.59 -16.01
C VAL A 192 0.77 5.92 -16.72
N LYS A 193 0.89 6.68 -17.82
CA LYS A 193 -0.17 6.82 -18.81
C LYS A 193 -0.04 5.65 -19.76
N GLY A 194 -1.15 4.97 -20.03
CA GLY A 194 -1.11 3.78 -20.87
C GLY A 194 -0.55 2.57 -20.15
N ARG A 195 0.54 2.01 -20.68
CA ARG A 195 0.97 0.66 -20.28
C ARG A 195 2.35 0.57 -19.63
N THR A 196 2.53 -0.47 -18.83
CA THR A 196 3.81 -0.81 -18.20
C THR A 196 4.01 -2.34 -18.20
N TRP A 197 5.22 -2.80 -17.87
CA TRP A 197 5.64 -4.17 -18.18
C TRP A 197 6.26 -4.99 -17.06
N LEU A 199 7.27 -7.28 -14.11
CA LEU A 199 6.66 -8.43 -13.45
C LEU A 199 6.96 -8.37 -11.94
N CYS A 200 6.23 -7.52 -11.23
CA CYS A 200 6.40 -7.33 -9.79
C CYS A 200 5.09 -7.49 -9.04
N GLY A 201 5.19 -7.85 -7.76
CA GLY A 201 4.02 -8.00 -6.88
C GLY A 201 4.05 -9.29 -6.09
N THR A 202 3.02 -9.52 -5.29
CA THR A 202 2.91 -10.71 -4.48
C THR A 202 2.10 -11.74 -5.28
N PRO A 203 2.60 -13.00 -5.37
CA PRO A 203 1.97 -14.02 -6.23
C PRO A 203 0.45 -14.16 -6.07
N GLU A 204 -0.05 -14.16 -4.83
CA GLU A 204 -1.48 -14.26 -4.54
C GLU A 204 -2.30 -13.08 -5.11
N TYR A 205 -1.65 -11.93 -5.29
CA TYR A 205 -2.33 -10.69 -5.66
C TYR A 205 -2.17 -10.25 -7.13
N LEU A 206 -1.42 -11.04 -7.91
CA LEU A 206 -1.15 -10.71 -9.31
C LEU A 206 -2.35 -10.91 -10.25
N ALA A 207 -2.67 -9.86 -11.01
CA ALA A 207 -3.71 -9.90 -12.05
C ALA A 207 -3.24 -10.77 -13.23
N PRO A 208 -4.19 -11.43 -13.94
CA PRO A 208 -3.81 -12.35 -15.03
C PRO A 208 -2.96 -11.72 -16.14
N GLU A 209 -3.20 -10.46 -16.46
CA GLU A 209 -2.47 -9.77 -17.54
C GLU A 209 -1.01 -9.46 -17.20
N ILE A 210 -0.69 -9.35 -15.90
CA ILE A 210 0.70 -9.25 -15.45
C ILE A 210 1.41 -10.57 -15.74
N ILE A 211 0.82 -11.67 -15.27
CA ILE A 211 1.34 -13.03 -15.49
C ILE A 211 1.56 -13.32 -16.97
N LEU A 212 0.62 -12.92 -17.82
CA LEU A 212 0.70 -13.22 -19.27
C LEU A 212 1.75 -12.41 -20.05
N SER A 213 2.44 -11.50 -19.35
CA SER A 213 3.61 -10.76 -19.85
C SER A 213 3.33 -9.95 -21.12
N LYS A 214 2.15 -9.32 -21.17
CA LYS A 214 1.68 -8.66 -22.39
C LYS A 214 1.55 -7.13 -22.28
N GLY A 215 1.79 -6.60 -21.09
CA GLY A 215 1.63 -5.17 -20.83
C GLY A 215 0.31 -4.91 -20.14
N TYR A 216 0.32 -3.99 -19.18
CA TYR A 216 -0.84 -3.74 -18.32
C TYR A 216 -0.97 -2.28 -17.91
N ASN A 217 -2.15 -1.93 -17.40
CA ASN A 217 -2.45 -0.59 -16.92
C ASN A 217 -3.03 -0.64 -15.50
N LYS A 218 -3.55 0.50 -15.04
CA LYS A 218 -4.08 0.67 -13.68
C LYS A 218 -5.15 -0.34 -13.22
N ALA A 219 -5.72 -1.08 -14.17
CA ALA A 219 -6.77 -2.08 -13.90
C ALA A 219 -6.32 -3.25 -13.00
N VAL A 220 -5.00 -3.46 -12.90
CA VAL A 220 -4.43 -4.50 -12.03
C VAL A 220 -4.68 -4.21 -10.54
N ASP A 221 -4.80 -2.93 -10.19
CA ASP A 221 -5.12 -2.50 -8.83
C ASP A 221 -6.55 -2.92 -8.44
N TRP A 222 -7.47 -2.86 -9.39
CA TRP A 222 -8.86 -3.26 -9.18
C TRP A 222 -9.03 -4.77 -9.01
N TRP A 223 -8.24 -5.54 -9.77
CA TRP A 223 -8.12 -6.97 -9.53
C TRP A 223 -7.62 -7.24 -8.09
N ALA A 224 -6.58 -6.52 -7.68
CA ALA A 224 -5.95 -6.71 -6.35
C ALA A 224 -6.91 -6.39 -5.19
N LEU A 225 -7.80 -5.42 -5.41
CA LEU A 225 -8.86 -5.11 -4.45
C LEU A 225 -9.78 -6.29 -4.24
N GLY A 226 -10.15 -6.97 -5.34
CA GLY A 226 -10.96 -8.18 -5.29
C GLY A 226 -10.33 -9.25 -4.44
N VAL A 227 -9.04 -9.52 -4.66
CA VAL A 227 -8.24 -10.44 -3.83
C VAL A 227 -8.26 -10.03 -2.34
N LEU A 228 -8.04 -8.75 -2.07
CA LEU A 228 -8.04 -8.24 -0.69
C LEU A 228 -9.36 -8.46 0.04
N ILE A 229 -10.47 -8.07 -0.61
CA ILE A 229 -11.82 -8.21 -0.06
C ILE A 229 -12.13 -9.68 0.21
N TYR A 230 -11.81 -10.54 -0.76
CA TYR A 230 -11.92 -11.99 -0.57
C TYR A 230 -11.15 -12.46 0.68
N GLU A 231 -9.89 -12.03 0.82
CA GLU A 231 -9.04 -12.48 1.94
C GLU A 231 -9.50 -11.95 3.30
N MET A 232 -9.97 -10.69 3.33
CA MET A 232 -10.52 -10.12 4.56
C MET A 232 -11.75 -10.87 5.05
N ALA A 233 -12.64 -11.21 4.11
CA ALA A 233 -13.91 -11.89 4.42
C ALA A 233 -13.76 -13.39 4.64
N ALA A 234 -12.79 -14.02 3.97
CA ALA A 234 -12.58 -15.47 4.07
C ALA A 234 -11.51 -15.89 5.07
N GLY A 235 -10.48 -15.07 5.23
CA GLY A 235 -9.34 -15.44 6.09
C GLY A 235 -8.19 -16.09 5.32
N TYR A 236 -8.42 -16.36 4.04
CA TYR A 236 -7.40 -16.92 3.15
C TYR A 236 -7.63 -16.34 1.74
N PRO A 237 -6.58 -16.31 0.89
CA PRO A 237 -6.75 -15.72 -0.46
C PRO A 237 -7.50 -16.63 -1.47
N PRO A 238 -8.08 -16.04 -2.55
CA PRO A 238 -8.85 -16.86 -3.50
C PRO A 238 -8.03 -17.84 -4.35
N PHE A 239 -6.75 -17.51 -4.61
CA PHE A 239 -5.89 -18.37 -5.42
C PHE A 239 -4.67 -18.76 -4.59
N PHE A 240 -4.64 -20.03 -4.18
CA PHE A 240 -3.61 -20.54 -3.27
C PHE A 240 -3.12 -21.93 -3.64
N ALA A 241 -1.82 -22.14 -3.47
CA ALA A 241 -1.14 -23.44 -3.61
C ALA A 241 0.25 -23.34 -2.99
N ASP A 242 0.94 -24.49 -2.86
CA ASP A 242 2.34 -24.55 -2.40
C ASP A 242 3.26 -23.71 -3.29
N GLN A 243 3.28 -24.05 -4.58
CA GLN A 243 4.13 -23.38 -5.56
C GLN A 243 3.54 -22.07 -6.09
N PRO A 244 4.38 -21.02 -6.27
CA PRO A 244 3.92 -19.78 -6.91
C PRO A 244 3.47 -20.01 -8.36
N ILE A 245 4.13 -20.95 -9.05
CA ILE A 245 3.78 -21.35 -10.43
C ILE A 245 2.37 -21.98 -10.51
N GLN A 246 1.98 -22.68 -9.45
CA GLN A 246 0.63 -23.27 -9.35
C GLN A 246 -0.42 -22.22 -9.06
N ILE A 247 -0.04 -21.19 -8.29
CA ILE A 247 -0.89 -20.01 -8.04
C ILE A 247 -1.20 -19.28 -9.36
N TYR A 248 -0.18 -19.09 -10.21
CA TYR A 248 -0.36 -18.40 -11.51
C TYR A 248 -1.36 -19.10 -12.41
N GLU A 249 -1.32 -20.43 -12.41
CA GLU A 249 -2.24 -21.26 -13.19
C GLU A 249 -3.70 -21.08 -12.75
N LYS A 250 -3.92 -21.02 -11.43
CA LYS A 250 -5.25 -20.73 -10.88
C LYS A 250 -5.76 -19.37 -11.31
N ILE A 251 -4.92 -18.34 -11.18
CA ILE A 251 -5.27 -16.96 -11.53
C ILE A 251 -5.73 -16.82 -12.99
N VAL A 252 -4.97 -17.41 -13.92
CA VAL A 252 -5.25 -17.27 -15.36
C VAL A 252 -6.46 -18.09 -15.81
N SER A 253 -6.75 -19.20 -15.11
CA SER A 253 -7.90 -20.07 -15.42
C SER A 253 -9.24 -19.38 -15.17
N GLY A 254 -9.21 -18.27 -14.45
CA GLY A 254 -10.41 -17.49 -14.14
C GLY A 254 -11.10 -17.96 -12.87
N LYS A 255 -11.49 -19.24 -12.85
CA LYS A 255 -12.34 -19.85 -11.81
C LYS A 255 -12.00 -19.51 -10.35
N VAL A 256 -13.04 -19.11 -9.62
CA VAL A 256 -12.97 -18.82 -8.17
C VAL A 256 -14.07 -19.59 -7.44
N ARG A 257 -13.71 -20.20 -6.30
CA ARG A 257 -14.68 -20.77 -5.36
C ARG A 257 -14.83 -19.83 -4.17
N PHE A 258 -16.07 -19.43 -3.89
CA PHE A 258 -16.41 -18.61 -2.72
C PHE A 258 -16.91 -19.47 -1.57
N PRO A 259 -16.54 -19.13 -0.30
CA PRO A 259 -17.14 -19.78 0.87
C PRO A 259 -18.66 -19.57 0.93
N SER A 260 -19.37 -20.56 1.46
CA SER A 260 -20.85 -20.51 1.55
C SER A 260 -21.40 -19.38 2.44
N HIS A 261 -20.59 -18.93 3.41
CA HIS A 261 -20.98 -17.82 4.29
C HIS A 261 -20.94 -16.41 3.64
N PHE A 262 -20.37 -16.30 2.44
CA PHE A 262 -20.33 -15.07 1.65
C PHE A 262 -21.74 -14.68 1.18
N SER A 263 -22.13 -13.44 1.43
CA SER A 263 -23.41 -12.90 0.91
C SER A 263 -23.41 -12.88 -0.63
N SER A 264 -24.59 -12.97 -1.24
CA SER A 264 -24.66 -13.02 -2.70
C SER A 264 -24.31 -11.66 -3.35
N ASP A 265 -24.48 -10.58 -2.60
CA ASP A 265 -23.99 -9.24 -2.99
C ASP A 265 -22.45 -9.20 -3.05
N LEU A 266 -21.80 -9.87 -2.10
CA LEU A 266 -20.33 -9.96 -2.06
C LEU A 266 -19.78 -10.79 -3.21
N LYS A 267 -20.32 -11.99 -3.42
CA LYS A 267 -19.98 -12.86 -4.57
C LYS A 267 -20.11 -12.09 -5.89
N ASP A 268 -21.15 -11.27 -6.00
CA ASP A 268 -21.38 -10.46 -7.21
C ASP A 268 -20.33 -9.37 -7.42
N LEU A 269 -19.96 -8.65 -6.36
CA LEU A 269 -18.88 -7.66 -6.44
C LEU A 269 -17.57 -8.30 -6.88
N LEU A 270 -17.25 -9.44 -6.27
CA LEU A 270 -15.98 -10.13 -6.51
C LEU A 270 -15.84 -10.74 -7.92
N ARG A 271 -16.95 -11.13 -8.54
CA ARG A 271 -16.92 -11.62 -9.93
C ARG A 271 -16.59 -10.51 -10.93
N ASN A 272 -17.04 -9.29 -10.63
CA ASN A 272 -16.75 -8.14 -11.48
C ASN A 272 -15.38 -7.51 -11.22
N LEU A 273 -14.76 -7.85 -10.08
CA LEU A 273 -13.39 -7.41 -9.79
C LEU A 273 -12.36 -8.45 -10.23
N LEU A 274 -12.66 -9.72 -9.95
CA LEU A 274 -11.81 -10.85 -10.34
C LEU A 274 -12.23 -11.36 -11.74
N GLN A 275 -12.28 -10.41 -12.66
CA GLN A 275 -12.69 -10.61 -14.03
C GLN A 275 -11.44 -10.56 -14.91
N VAL A 276 -11.15 -11.69 -15.58
CA VAL A 276 -10.00 -11.83 -16.49
C VAL A 276 -10.13 -10.92 -17.74
N ASP A 277 -11.34 -10.81 -18.27
CA ASP A 277 -11.66 -9.94 -19.42
C ASP A 277 -11.62 -8.46 -19.01
N LEU A 278 -10.64 -7.74 -19.54
CA LEU A 278 -10.42 -6.32 -19.19
C LEU A 278 -11.55 -5.38 -19.57
N THR A 279 -12.26 -5.70 -20.65
CA THR A 279 -13.43 -4.94 -21.11
C THR A 279 -14.66 -5.15 -20.23
N LYS A 280 -14.56 -6.05 -19.25
CA LYS A 280 -15.68 -6.35 -18.33
C LYS A 280 -15.39 -6.07 -16.84
N ARG A 281 -14.12 -5.83 -16.48
CA ARG A 281 -13.71 -5.62 -15.09
C ARG A 281 -14.12 -4.25 -14.56
N PHE A 282 -14.81 -4.26 -13.41
CA PHE A 282 -15.21 -3.04 -12.70
C PHE A 282 -14.00 -2.14 -12.41
N GLY A 283 -14.24 -0.84 -12.50
CA GLY A 283 -13.18 0.17 -12.37
C GLY A 283 -12.58 0.58 -13.70
N ASN A 284 -12.59 -0.35 -14.67
CA ASN A 284 -12.01 -0.13 -16.00
C ASN A 284 -13.04 0.35 -17.04
N LEU A 285 -14.32 0.16 -16.75
CA LEU A 285 -15.43 0.45 -17.68
C LEU A 285 -15.76 1.93 -17.80
N LYS A 286 -16.82 2.24 -18.56
CA LYS A 286 -17.24 3.61 -18.85
C LYS A 286 -17.61 4.45 -17.63
N ASN A 287 -18.31 3.84 -16.67
CA ASN A 287 -18.61 4.49 -15.39
C ASN A 287 -17.39 4.52 -14.46
N GLY A 288 -16.42 3.65 -14.74
CA GLY A 288 -15.18 3.56 -13.99
C GLY A 288 -15.41 3.14 -12.55
N VAL A 289 -14.94 3.98 -11.63
CA VAL A 289 -14.98 3.75 -10.19
C VAL A 289 -16.43 3.71 -9.65
N ASN A 290 -17.33 4.44 -10.31
CA ASN A 290 -18.74 4.48 -9.92
C ASN A 290 -19.47 3.13 -10.01
N ASP A 291 -18.99 2.24 -10.88
CA ASP A 291 -19.46 0.85 -10.94
C ASP A 291 -19.26 0.13 -9.60
N ILE A 292 -18.13 0.43 -8.94
CA ILE A 292 -17.79 -0.11 -7.63
C ILE A 292 -18.57 0.60 -6.53
N LYS A 293 -18.50 1.93 -6.52
CA LYS A 293 -19.13 2.77 -5.48
C LYS A 293 -20.65 2.58 -5.38
N ASN A 294 -21.31 2.44 -6.53
CA ASN A 294 -22.77 2.31 -6.59
C ASN A 294 -23.22 0.84 -6.60
N HIS A 295 -22.28 -0.10 -6.43
CA HIS A 295 -22.63 -1.51 -6.34
C HIS A 295 -23.39 -1.80 -5.04
N LYS A 296 -24.27 -2.79 -5.11
CA LYS A 296 -25.19 -3.18 -4.04
C LYS A 296 -24.53 -3.51 -2.71
N TRP A 297 -23.38 -4.19 -2.75
CA TRP A 297 -22.59 -4.50 -1.54
C TRP A 297 -22.09 -3.27 -0.78
N PHE A 298 -21.93 -2.15 -1.49
CA PHE A 298 -21.50 -0.87 -0.91
C PHE A 298 -22.65 0.13 -0.60
N ALA A 299 -23.90 -0.32 -0.70
CA ALA A 299 -25.11 0.55 -0.53
C ALA A 299 -25.21 1.30 0.80
N THR A 300 -24.73 0.69 1.89
CA THR A 300 -24.77 1.32 3.22
C THR A 300 -23.55 2.20 3.52
N THR A 301 -22.58 2.23 2.60
CA THR A 301 -21.36 3.03 2.78
C THR A 301 -21.62 4.52 2.49
N ASP A 302 -21.28 5.36 3.45
CA ASP A 302 -21.27 6.80 3.29
C ASP A 302 -19.86 7.25 2.93
N TRP A 303 -19.66 7.47 1.64
CA TRP A 303 -18.34 7.74 1.05
C TRP A 303 -17.66 9.00 1.59
N ILE A 304 -18.44 10.05 1.80
CA ILE A 304 -17.95 11.32 2.33
C ILE A 304 -17.48 11.15 3.79
N ALA A 305 -18.33 10.52 4.60
CA ALA A 305 -18.03 10.28 6.02
C ALA A 305 -16.79 9.39 6.23
N ILE A 306 -16.62 8.38 5.36
CA ILE A 306 -15.40 7.56 5.32
C ILE A 306 -14.18 8.44 5.01
N TYR A 307 -14.26 9.27 3.97
CA TYR A 307 -13.18 10.21 3.64
C TYR A 307 -12.81 11.12 4.82
N GLN A 308 -13.82 11.64 5.51
CA GLN A 308 -13.62 12.58 6.62
C GLN A 308 -13.24 11.90 7.94
N ARG A 309 -13.28 10.56 7.95
CA ARG A 309 -13.04 9.74 9.15
C ARG A 309 -14.10 9.96 10.25
N LYS A 310 -15.34 10.17 9.82
CA LYS A 310 -16.47 10.40 10.75
C LYS A 310 -17.24 9.12 11.10
N VAL A 311 -17.06 8.05 10.30
CA VAL A 311 -17.63 6.74 10.61
C VAL A 311 -16.84 6.14 11.78
N GLU A 312 -17.56 5.64 12.77
CA GLU A 312 -16.95 4.99 13.93
C GLU A 312 -16.38 3.64 13.50
N ALA A 313 -15.11 3.39 13.84
CA ALA A 313 -14.40 2.19 13.39
C ALA A 313 -14.85 0.92 14.12
N PRO A 314 -14.94 -0.22 13.37
CA PRO A 314 -15.27 -1.53 13.97
C PRO A 314 -14.18 -2.13 14.86
N PHE A 315 -12.96 -1.61 14.79
CA PHE A 315 -11.84 -2.11 15.60
C PHE A 315 -10.80 -1.03 15.90
N ILE A 316 -10.56 -0.80 17.19
CA ILE A 316 -9.54 0.14 17.64
C ILE A 316 -8.45 -0.67 18.36
N PRO A 317 -7.20 -0.61 17.86
CA PRO A 317 -6.11 -1.38 18.48
C PRO A 317 -5.81 -0.86 19.87
N LYS A 318 -5.39 -1.76 20.76
CA LYS A 318 -4.97 -1.43 22.12
C LYS A 318 -3.81 -0.43 22.08
N PHE A 319 -4.01 0.72 22.70
CA PHE A 319 -2.99 1.76 22.77
C PHE A 319 -2.24 1.69 24.10
N LYS A 320 -0.92 1.59 24.01
CA LYS A 320 -0.06 1.39 25.17
C LYS A 320 1.04 2.46 25.28
N GLY A 321 0.73 3.67 24.80
CA GLY A 321 1.66 4.79 24.81
C GLY A 321 2.43 4.97 23.51
N PRO A 322 2.91 6.21 23.23
CA PRO A 322 3.80 6.44 22.08
C PRO A 322 5.12 5.70 22.27
N GLY A 323 5.54 4.96 21.24
CA GLY A 323 6.78 4.18 21.29
C GLY A 323 6.67 2.74 21.79
N ASP A 324 5.44 2.26 22.03
CA ASP A 324 5.18 0.84 22.32
C ASP A 324 5.15 0.03 21.01
N THR A 325 5.76 -1.15 21.05
CA THR A 325 5.97 -1.99 19.85
C THR A 325 5.39 -3.41 19.95
N SER A 326 4.51 -3.65 20.93
CA SER A 326 3.94 -4.99 21.17
C SER A 326 3.11 -5.55 19.99
N ASN A 327 2.66 -4.66 19.11
CA ASN A 327 1.98 -5.04 17.87
C ASN A 327 2.90 -5.57 16.75
N PHE A 328 4.19 -5.64 17.04
CA PHE A 328 5.19 -6.04 16.03
C PHE A 328 6.06 -7.20 16.53
N ASP A 329 6.61 -7.96 15.59
CA ASP A 329 7.51 -9.08 15.88
C ASP A 329 8.90 -8.60 16.32
N ASP A 330 9.69 -9.52 16.90
CA ASP A 330 11.06 -9.22 17.33
C ASP A 330 12.10 -9.75 16.35
N TYR A 331 13.16 -8.96 16.16
CA TYR A 331 14.22 -9.24 15.20
C TYR A 331 15.58 -8.97 15.81
N GLU A 332 16.59 -9.69 15.34
CA GLU A 332 17.97 -9.52 15.79
C GLU A 332 18.47 -8.12 15.45
N GLU A 333 18.72 -7.32 16.49
CA GLU A 333 19.14 -5.93 16.34
C GLU A 333 20.54 -5.86 15.77
N GLU A 334 20.65 -5.22 14.60
CA GLU A 334 21.92 -5.11 13.88
C GLU A 334 22.27 -3.66 13.55
N GLU A 335 23.56 -3.38 13.62
CA GLU A 335 24.14 -2.05 13.37
C GLU A 335 23.75 -1.42 12.03
N ILE A 336 23.63 -0.10 12.03
CA ILE A 336 23.50 0.69 10.80
C ILE A 336 24.92 1.09 10.41
N ARG A 337 25.53 0.32 9.50
CA ARG A 337 26.92 0.53 9.12
C ARG A 337 27.07 1.56 8.01
N VAL A 338 27.69 2.69 8.35
CA VAL A 338 27.98 3.75 7.39
C VAL A 338 29.46 3.61 7.02
N ILE A 340 33.03 4.63 5.06
CA ILE A 340 33.78 5.87 4.85
C ILE A 340 33.85 6.27 3.36
N ASN A 341 33.59 5.31 2.48
CA ASN A 341 33.53 5.52 1.03
C ASN A 341 32.08 5.55 0.53
N GLU A 342 31.79 6.50 -0.36
CA GLU A 342 30.45 6.63 -0.94
C GLU A 342 30.18 5.54 -1.96
N LYS A 343 29.07 4.85 -1.77
CA LYS A 343 28.67 3.75 -2.65
C LYS A 343 27.56 4.22 -3.59
N CYS A 344 27.63 3.74 -4.84
CA CYS A 344 26.59 3.93 -5.86
C CYS A 344 26.13 5.40 -6.02
N GLY A 345 27.11 6.29 -6.15
CA GLY A 345 26.88 7.74 -6.25
C GLY A 345 25.96 8.17 -7.39
N LYS A 346 26.27 7.73 -8.61
CA LYS A 346 25.50 8.12 -9.79
C LYS A 346 24.10 7.49 -9.85
N GLU A 347 23.97 6.26 -9.35
CA GLU A 347 22.68 5.53 -9.36
C GLU A 347 21.59 6.26 -8.59
N PHE A 348 21.96 6.83 -7.44
CA PHE A 348 21.00 7.47 -6.55
C PHE A 348 21.24 8.98 -6.44
N SER A 349 21.90 9.57 -7.44
CA SER A 349 22.21 11.01 -7.43
C SER A 349 20.98 11.91 -7.27
N GLU A 350 19.85 11.51 -7.85
CA GLU A 350 18.62 12.29 -7.73
C GLU A 350 17.70 11.89 -6.55
N PHE A 351 18.15 10.94 -5.73
CA PHE A 351 17.49 10.64 -4.46
C PHE A 351 17.78 11.76 -3.46
#